data_7ZNP
#
_entry.id   7ZNP
#
_cell.length_a   132.456
_cell.length_b   143.558
_cell.length_c   72.797
_cell.angle_alpha   90.000
_cell.angle_beta   90.000
_cell.angle_gamma   90.000
#
_symmetry.space_group_name_H-M   'C 2 2 2'
#
loop_
_entity.id
_entity.type
_entity.pdbx_description
1 polymer 'Sucrose phosphorylase'
2 non-polymer 'MAGNESIUM ION'
3 non-polymer 'CHLORIDE ION'
4 water water
#
_entity_poly.entity_id   1
_entity_poly.type   'polypeptide(L)'
_entity_poly.pdbx_seq_one_letter_code
;MGSIRNGVQLITYADRLGDGNIESLTNLLDGPLKGLFKGVHILPFYYPYDGEDAGFDPIDHTTVDERLGDWNNIKKLGES
VDIMADLIVNHMSGQSEAFTDVLKKGRESEYWPLFLTKEDVFSGNDQAEIDEQIAKVFRPRPTPFFSDYEVGIETDSTET
VPFWTTFTSNQIDIDVESELGKEYLSSILQSFTESNVDLIRLDAAGYAIKRAGSNCFMLEETFEFIEALSKRARTMGMQC
LVEIHSHYQTQIDIAARCDSVYDFALPPLVLHTLFTKDASALAHWLSISPRNCFTVLDTHDGIGIVDVGASGDKPGLISA
DAINALVEQIHVNSNGESKKATGAAANNVDLYQVNCTYYDALGKDDFAYLVARAIQFFSPGIPQVYYGGLLAAHNDMELL
ANTNVGRDINRPYLTTAMVEDAIQKPVVKGLMQLITLRNENKAFGGAFDVTYTDNTLVLSWSNDGDAASLTVDFAAMDAT
INTVSNGEESTLSIGALLAHHHHHH
;
_entity_poly.pdbx_strand_id   A
#
loop_
_chem_comp.id
_chem_comp.type
_chem_comp.name
_chem_comp.formula
CL non-polymer 'CHLORIDE ION' 'Cl -1'
MG non-polymer 'MAGNESIUM ION' 'Mg 2'
#
# COMPACT_ATOMS: atom_id res chain seq x y z
N SER A 3 -9.49 -13.97 -12.11
CA SER A 3 -8.48 -13.30 -12.92
C SER A 3 -7.21 -13.06 -12.10
N ILE A 4 -7.37 -12.94 -10.79
CA ILE A 4 -6.25 -12.78 -9.87
C ILE A 4 -5.98 -14.13 -9.21
N ARG A 5 -4.72 -14.57 -9.25
CA ARG A 5 -4.35 -15.82 -8.61
C ARG A 5 -4.45 -15.67 -7.09
N ASN A 6 -5.29 -16.50 -6.48
CA ASN A 6 -5.47 -16.46 -5.03
C ASN A 6 -4.23 -17.05 -4.37
N GLY A 7 -3.39 -16.20 -3.81
CA GLY A 7 -2.17 -16.63 -3.16
C GLY A 7 -1.41 -15.44 -2.63
N VAL A 8 -0.27 -15.72 -2.01
CA VAL A 8 0.52 -14.70 -1.34
C VAL A 8 1.28 -13.87 -2.37
N GLN A 9 1.30 -12.55 -2.15
CA GLN A 9 2.04 -11.61 -2.99
C GLN A 9 3.19 -10.98 -2.21
N LEU A 10 4.18 -10.48 -2.96
CA LEU A 10 5.35 -9.80 -2.43
C LEU A 10 5.28 -8.30 -2.73
N ILE A 11 5.60 -7.48 -1.73
CA ILE A 11 5.78 -6.04 -1.92
C ILE A 11 7.28 -5.77 -1.90
N THR A 12 7.80 -5.14 -2.95
CA THR A 12 9.23 -4.86 -2.98
C THR A 12 9.52 -3.64 -3.83
N TYR A 13 10.60 -2.96 -3.48
CA TYR A 13 11.27 -2.09 -4.43
C TYR A 13 12.10 -2.92 -5.39
N ALA A 14 12.16 -2.47 -6.64
CA ALA A 14 12.97 -3.18 -7.63
C ALA A 14 14.45 -3.09 -7.34
N ASP A 15 14.89 -2.11 -6.54
CA ASP A 15 16.32 -1.88 -6.29
C ASP A 15 16.75 -2.25 -4.87
N ARG A 16 15.82 -2.45 -3.94
CA ARG A 16 16.20 -2.67 -2.56
C ARG A 16 16.11 -4.13 -2.14
N LEU A 17 15.65 -5.03 -3.02
CA LEU A 17 15.67 -6.47 -2.78
C LEU A 17 16.37 -7.13 -3.97
N GLY A 18 17.52 -7.72 -3.72
CA GLY A 18 18.42 -8.10 -4.78
C GLY A 18 19.54 -7.08 -4.91
N ASP A 19 20.21 -7.12 -6.06
CA ASP A 19 21.40 -6.32 -6.25
C ASP A 19 21.14 -5.02 -7.00
N GLY A 20 19.87 -4.66 -7.21
CA GLY A 20 19.54 -3.30 -7.61
C GLY A 20 18.82 -3.05 -8.92
N ASN A 21 18.23 -4.07 -9.55
CA ASN A 21 17.44 -3.82 -10.75
C ASN A 21 16.42 -4.94 -10.93
N ILE A 22 15.55 -4.77 -11.93
CA ILE A 22 14.44 -5.69 -12.12
C ILE A 22 14.93 -7.10 -12.43
N GLU A 23 15.95 -7.22 -13.29
CA GLU A 23 16.48 -8.54 -13.62
C GLU A 23 17.01 -9.23 -12.38
N SER A 24 17.66 -8.49 -11.49
CA SER A 24 18.15 -9.09 -10.26
C SER A 24 17.01 -9.58 -9.38
N LEU A 25 15.93 -8.81 -9.29
CA LEU A 25 14.75 -9.28 -8.57
C LEU A 25 14.14 -10.51 -9.23
N THR A 26 14.06 -10.49 -10.56
CA THR A 26 13.53 -11.64 -11.29
C THR A 26 14.35 -12.91 -11.00
N ASN A 27 15.68 -12.77 -10.96
CA ASN A 27 16.52 -13.92 -10.62
C ASN A 27 16.21 -14.44 -9.23
N LEU A 28 16.02 -13.54 -8.27
CA LEU A 28 15.67 -13.95 -6.90
C LEU A 28 14.38 -14.75 -6.90
N LEU A 29 13.35 -14.25 -7.58
CA LEU A 29 12.07 -14.95 -7.62
C LEU A 29 12.17 -16.27 -8.37
N ASP A 30 13.25 -16.50 -9.13
CA ASP A 30 13.50 -17.74 -9.84
C ASP A 30 14.41 -18.68 -9.08
N GLY A 31 15.05 -18.23 -8.00
CA GLY A 31 15.97 -19.06 -7.27
C GLY A 31 15.61 -19.16 -5.81
N PRO A 32 16.29 -18.35 -4.98
CA PRO A 32 16.06 -18.42 -3.52
C PRO A 32 14.62 -18.22 -3.10
N LEU A 33 13.89 -17.33 -3.77
CA LEU A 33 12.50 -17.05 -3.41
C LEU A 33 11.52 -17.72 -4.37
N LYS A 34 11.93 -18.79 -5.03
CA LYS A 34 11.07 -19.47 -5.99
C LYS A 34 9.96 -20.21 -5.27
N GLY A 35 8.78 -20.23 -5.89
CA GLY A 35 7.67 -21.00 -5.34
C GLY A 35 6.97 -20.37 -4.17
N LEU A 36 7.16 -19.08 -3.92
CA LEU A 36 6.52 -18.40 -2.80
C LEU A 36 5.38 -17.48 -3.22
N PHE A 37 5.51 -16.76 -4.33
CA PHE A 37 4.61 -15.65 -4.62
C PHE A 37 3.89 -15.88 -5.94
N LYS A 38 2.56 -15.79 -5.90
CA LYS A 38 1.75 -15.75 -7.10
C LYS A 38 1.66 -14.34 -7.69
N GLY A 39 2.13 -13.34 -6.95
CA GLY A 39 2.07 -11.97 -7.43
C GLY A 39 3.12 -11.12 -6.75
N VAL A 40 3.47 -10.02 -7.41
CA VAL A 40 4.49 -9.10 -6.94
C VAL A 40 3.99 -7.69 -7.17
N HIS A 41 3.91 -6.89 -6.10
CA HIS A 41 3.71 -5.45 -6.21
C HIS A 41 5.09 -4.81 -6.34
N ILE A 42 5.41 -4.32 -7.53
CA ILE A 42 6.66 -3.58 -7.74
C ILE A 42 6.38 -2.12 -7.50
N LEU A 43 7.05 -1.53 -6.51
CA LEU A 43 6.82 -0.15 -6.16
C LEU A 43 7.35 0.75 -7.27
N PRO A 44 6.92 2.03 -7.31
CA PRO A 44 7.18 2.86 -8.50
C PRO A 44 8.59 2.77 -9.05
N PHE A 45 8.67 2.37 -10.32
CA PHE A 45 9.93 2.08 -10.99
C PHE A 45 10.15 3.00 -12.18
N TYR A 46 9.45 4.12 -12.21
CA TYR A 46 9.51 5.07 -13.31
C TYR A 46 10.64 6.06 -13.08
N TYR A 47 10.90 6.88 -14.09
CA TYR A 47 12.04 7.78 -14.05
C TYR A 47 11.67 9.04 -13.27
N PRO A 48 12.36 9.34 -12.15
CA PRO A 48 13.33 8.48 -11.48
C PRO A 48 12.71 7.80 -10.26
N TYR A 49 13.31 6.70 -9.81
CA TYR A 49 12.79 5.98 -8.66
C TYR A 49 13.34 6.50 -7.33
N ASP A 50 14.38 7.33 -7.36
CA ASP A 50 15.11 7.72 -6.16
C ASP A 50 15.01 9.22 -5.90
N GLY A 51 13.89 9.84 -6.25
CA GLY A 51 13.66 11.24 -5.96
C GLY A 51 13.27 11.45 -4.50
N GLU A 52 12.74 12.64 -4.23
CA GLU A 52 12.44 13.03 -2.87
C GLU A 52 11.36 12.15 -2.23
N ASP A 53 10.45 11.58 -3.02
CA ASP A 53 9.38 10.75 -2.49
C ASP A 53 9.54 9.27 -2.85
N ALA A 54 10.77 8.84 -3.13
CA ALA A 54 11.11 7.43 -3.28
C ALA A 54 10.23 6.74 -4.32
N GLY A 55 10.19 7.31 -5.52
CA GLY A 55 9.50 6.72 -6.65
C GLY A 55 8.15 7.33 -6.94
N PHE A 56 7.49 7.92 -5.95
CA PHE A 56 6.15 8.46 -6.11
C PHE A 56 6.11 9.88 -6.65
N ASP A 57 7.26 10.44 -7.01
CA ASP A 57 7.31 11.74 -7.69
C ASP A 57 8.11 11.62 -9.00
N PRO A 58 7.71 10.74 -9.91
CA PRO A 58 8.50 10.56 -11.13
C PRO A 58 8.38 11.75 -12.07
N ILE A 59 9.48 12.00 -12.79
CA ILE A 59 9.49 13.02 -13.83
C ILE A 59 8.73 12.54 -15.06
N ASP A 60 8.95 11.28 -15.46
CA ASP A 60 8.27 10.68 -16.60
C ASP A 60 7.67 9.36 -16.14
N HIS A 61 6.36 9.40 -15.85
CA HIS A 61 5.63 8.22 -15.42
C HIS A 61 5.51 7.18 -16.53
N THR A 62 5.77 7.54 -17.79
CA THR A 62 5.55 6.64 -18.91
C THR A 62 6.73 5.73 -19.20
N THR A 63 7.86 5.93 -18.54
CA THR A 63 9.07 5.17 -18.84
C THR A 63 9.63 4.58 -17.56
N VAL A 64 10.18 3.36 -17.67
CA VAL A 64 10.91 2.76 -16.57
C VAL A 64 12.24 3.47 -16.41
N ASP A 65 12.68 3.66 -15.16
CA ASP A 65 14.01 4.20 -14.93
C ASP A 65 15.05 3.25 -15.51
N GLU A 66 15.87 3.76 -16.43
CA GLU A 66 16.79 2.89 -17.17
C GLU A 66 17.82 2.24 -16.25
N ARG A 67 18.09 2.81 -15.08
CA ARG A 67 18.91 2.11 -14.10
C ARG A 67 18.24 0.83 -13.61
N LEU A 68 16.90 0.76 -13.69
CA LEU A 68 16.21 -0.44 -13.25
C LEU A 68 15.97 -1.43 -14.38
N GLY A 69 15.79 -0.96 -15.60
CA GLY A 69 15.55 -1.79 -16.78
C GLY A 69 14.64 -1.06 -17.76
N ASP A 70 13.79 -1.83 -18.44
CA ASP A 70 12.78 -1.26 -19.34
C ASP A 70 11.49 -2.07 -19.21
N TRP A 71 10.51 -1.77 -20.05
CA TRP A 71 9.22 -2.42 -19.92
C TRP A 71 9.29 -3.92 -20.20
N ASN A 72 10.29 -4.35 -20.99
CA ASN A 72 10.43 -5.78 -21.29
C ASN A 72 10.88 -6.57 -20.07
N ASN A 73 11.62 -5.93 -19.17
CA ASN A 73 11.93 -6.58 -17.89
C ASN A 73 10.66 -6.82 -17.08
N ILE A 74 9.79 -5.81 -17.01
CA ILE A 74 8.50 -5.97 -16.36
C ILE A 74 7.68 -7.06 -17.05
N LYS A 75 7.65 -7.01 -18.38
CA LYS A 75 6.89 -8.00 -19.15
C LYS A 75 7.37 -9.42 -18.84
N LYS A 76 8.70 -9.61 -18.78
CA LYS A 76 9.25 -10.94 -18.53
C LYS A 76 8.88 -11.44 -17.15
N LEU A 77 8.99 -10.59 -16.13
CA LEU A 77 8.67 -11.01 -14.77
C LEU A 77 7.19 -11.35 -14.64
N GLY A 78 6.33 -10.60 -15.33
CA GLY A 78 4.90 -10.84 -15.27
C GLY A 78 4.38 -11.95 -16.13
N GLU A 79 5.26 -12.67 -16.83
CA GLU A 79 4.79 -13.79 -17.66
C GLU A 79 4.09 -14.84 -16.81
N SER A 80 4.59 -15.09 -15.60
CA SER A 80 4.08 -16.16 -14.76
C SER A 80 3.43 -15.69 -13.46
N VAL A 81 3.73 -14.50 -12.98
CA VAL A 81 3.13 -14.00 -11.75
C VAL A 81 2.31 -12.75 -12.06
N ASP A 82 1.26 -12.56 -11.25
CA ASP A 82 0.53 -11.31 -11.30
C ASP A 82 1.45 -10.17 -10.86
N ILE A 83 1.31 -9.03 -11.51
CA ILE A 83 2.11 -7.86 -11.17
C ILE A 83 1.19 -6.72 -10.79
N MET A 84 1.48 -6.07 -9.66
CA MET A 84 0.81 -4.84 -9.26
C MET A 84 1.76 -3.67 -9.45
N ALA A 85 1.29 -2.62 -10.11
CA ALA A 85 2.08 -1.43 -10.35
C ALA A 85 1.26 -0.20 -10.01
N ASP A 86 1.95 0.91 -9.73
CA ASP A 86 1.32 2.14 -9.28
C ASP A 86 0.98 3.06 -10.45
N LEU A 87 -0.21 3.67 -10.37
CA LEU A 87 -0.63 4.72 -11.29
C LEU A 87 -0.91 5.99 -10.48
N ILE A 88 -0.07 7.01 -10.64
CA ILE A 88 -0.31 8.30 -10.00
C ILE A 88 -1.30 9.06 -10.88
N VAL A 89 -2.56 9.13 -10.46
CA VAL A 89 -3.60 9.65 -11.34
C VAL A 89 -3.84 11.16 -11.20
N ASN A 90 -3.38 11.78 -10.11
CA ASN A 90 -3.83 13.13 -9.78
C ASN A 90 -2.94 14.24 -10.33
N HIS A 91 -1.68 13.97 -10.60
CA HIS A 91 -0.75 15.06 -10.88
C HIS A 91 0.43 14.53 -11.70
N MET A 92 1.15 15.48 -12.30
CA MET A 92 2.36 15.20 -13.06
C MET A 92 3.49 16.09 -12.54
N SER A 93 4.71 15.74 -12.94
CA SER A 93 5.89 16.49 -12.54
C SER A 93 5.98 17.82 -13.29
N GLY A 94 6.41 18.86 -12.59
CA GLY A 94 6.72 20.12 -13.24
C GLY A 94 7.89 20.02 -14.21
N GLN A 95 8.72 19.00 -14.07
CA GLN A 95 9.84 18.77 -14.98
C GLN A 95 9.48 17.83 -16.13
N SER A 96 8.23 17.38 -16.19
CA SER A 96 7.80 16.55 -17.31
C SER A 96 7.84 17.37 -18.60
N GLU A 97 7.86 16.66 -19.73
CA GLU A 97 7.94 17.35 -21.01
C GLU A 97 6.66 18.11 -21.32
N ALA A 98 5.51 17.59 -20.89
CA ALA A 98 4.25 18.28 -21.13
C ALA A 98 4.21 19.61 -20.39
N PHE A 99 4.71 19.65 -19.14
CA PHE A 99 4.59 20.90 -18.39
C PHE A 99 5.65 21.91 -18.80
N THR A 100 6.87 21.45 -19.11
CA THR A 100 7.88 22.37 -19.60
C THR A 100 7.44 23.02 -20.91
N ASP A 101 6.73 22.26 -21.74
CA ASP A 101 6.15 22.84 -22.96
C ASP A 101 5.15 23.94 -22.63
N VAL A 102 4.38 23.76 -21.56
CA VAL A 102 3.44 24.79 -21.14
C VAL A 102 4.19 26.04 -20.68
N LEU A 103 5.28 25.85 -19.93
CA LEU A 103 6.09 26.99 -19.53
C LEU A 103 6.64 27.72 -20.75
N LYS A 104 7.04 26.96 -21.78
CA LYS A 104 7.64 27.57 -22.96
C LYS A 104 6.61 28.31 -23.80
N LYS A 105 5.47 27.67 -24.09
CA LYS A 105 4.54 28.17 -25.09
C LYS A 105 3.23 28.69 -24.51
N GLY A 106 3.02 28.55 -23.20
CA GLY A 106 1.85 29.15 -22.59
C GLY A 106 0.56 28.56 -23.10
N ARG A 107 -0.43 29.43 -23.34
CA ARG A 107 -1.71 28.98 -23.87
C ARG A 107 -1.61 28.50 -25.32
N GLU A 108 -0.48 28.72 -25.97
CA GLU A 108 -0.24 28.18 -27.31
C GLU A 108 0.25 26.74 -27.26
N SER A 109 0.42 26.16 -26.08
CA SER A 109 0.93 24.81 -25.96
C SER A 109 -0.15 23.79 -26.31
N GLU A 110 0.26 22.72 -26.97
CA GLU A 110 -0.66 21.61 -27.22
C GLU A 110 -1.15 21.01 -25.91
N TYR A 111 -0.34 21.08 -24.85
CA TYR A 111 -0.65 20.46 -23.58
C TYR A 111 -1.32 21.40 -22.59
N TRP A 112 -1.77 22.58 -23.05
CA TRP A 112 -2.38 23.52 -22.12
C TRP A 112 -3.56 22.94 -21.35
N PRO A 113 -4.58 22.33 -21.99
CA PRO A 113 -5.72 21.85 -21.21
C PRO A 113 -5.41 20.67 -20.30
N LEU A 114 -4.19 20.13 -20.36
CA LEU A 114 -3.86 18.95 -19.55
C LEU A 114 -3.79 19.27 -18.06
N PHE A 115 -3.45 20.51 -17.71
CA PHE A 115 -3.16 20.85 -16.33
C PHE A 115 -4.30 21.67 -15.73
N LEU A 116 -4.45 21.56 -14.42
CA LEU A 116 -5.55 22.19 -13.70
C LEU A 116 -5.09 23.52 -13.14
N THR A 117 -5.78 24.59 -13.50
CA THR A 117 -5.47 25.93 -13.02
C THR A 117 -6.60 26.45 -12.15
N LYS A 118 -6.36 27.63 -11.56
CA LYS A 118 -7.36 28.24 -10.69
C LYS A 118 -8.63 28.57 -11.47
N GLU A 119 -8.49 29.12 -12.68
CA GLU A 119 -9.65 29.48 -13.48
C GLU A 119 -10.45 28.27 -13.93
N ASP A 120 -9.84 27.08 -13.98
CA ASP A 120 -10.58 25.88 -14.35
C ASP A 120 -11.61 25.48 -13.32
N VAL A 121 -11.47 25.92 -12.07
CA VAL A 121 -12.32 25.48 -10.99
C VAL A 121 -13.18 26.62 -10.44
N PHE A 122 -12.61 27.81 -10.29
CA PHE A 122 -13.31 28.97 -9.76
C PHE A 122 -13.48 30.00 -10.89
N SER A 123 -14.73 30.26 -11.26
CA SER A 123 -15.01 31.11 -12.40
C SER A 123 -15.49 32.51 -12.02
N GLY A 124 -15.66 32.78 -10.73
CA GLY A 124 -16.10 34.10 -10.30
C GLY A 124 -14.97 35.10 -10.24
N ASN A 125 -15.23 36.19 -9.53
CA ASN A 125 -14.22 37.22 -9.30
C ASN A 125 -14.26 37.80 -7.89
N ASP A 126 -15.20 37.36 -7.05
CA ASP A 126 -15.17 37.68 -5.63
C ASP A 126 -14.05 36.89 -4.98
N GLN A 127 -12.89 37.53 -4.81
CA GLN A 127 -11.73 36.85 -4.27
C GLN A 127 -11.97 36.38 -2.84
N ALA A 128 -12.80 37.11 -2.09
CA ALA A 128 -13.16 36.67 -0.75
C ALA A 128 -13.98 35.38 -0.81
N GLU A 129 -14.90 35.29 -1.77
CA GLU A 129 -15.71 34.08 -1.91
C GLU A 129 -14.86 32.91 -2.38
N ILE A 130 -13.98 33.14 -3.35
CA ILE A 130 -13.10 32.07 -3.84
C ILE A 130 -12.23 31.55 -2.71
N ASP A 131 -11.75 32.45 -1.85
CA ASP A 131 -10.90 32.03 -0.73
C ASP A 131 -11.71 31.22 0.28
N GLU A 132 -12.96 31.61 0.54
CA GLU A 132 -13.80 30.83 1.44
C GLU A 132 -14.04 29.42 0.92
N GLN A 133 -14.07 29.25 -0.41
CA GLN A 133 -14.23 27.91 -0.96
C GLN A 133 -12.91 27.18 -1.06
N ILE A 134 -11.80 27.91 -1.23
CA ILE A 134 -10.48 27.30 -1.15
C ILE A 134 -10.24 26.72 0.24
N ALA A 135 -10.78 27.38 1.27
CA ALA A 135 -10.62 26.88 2.64
C ALA A 135 -11.32 25.55 2.85
N LYS A 136 -12.39 25.28 2.10
CA LYS A 136 -13.10 24.01 2.22
C LYS A 136 -12.38 22.86 1.52
N VAL A 137 -11.41 23.14 0.65
CA VAL A 137 -10.70 22.07 -0.04
C VAL A 137 -9.81 21.34 0.94
N PHE A 138 -9.89 20.01 0.95
CA PHE A 138 -9.08 19.22 1.86
C PHE A 138 -7.66 19.06 1.31
N ARG A 139 -6.67 19.43 2.13
CA ARG A 139 -5.27 19.33 1.77
C ARG A 139 -4.49 18.61 2.85
N PRO A 140 -3.60 17.67 2.48
CA PRO A 140 -2.91 16.89 3.51
C PRO A 140 -1.87 17.68 4.29
N ARG A 141 -1.17 18.60 3.64
CA ARG A 141 -0.07 19.35 4.24
C ARG A 141 -0.27 20.84 3.95
N PRO A 142 0.31 21.72 4.79
CA PRO A 142 0.20 23.17 4.54
C PRO A 142 1.10 23.65 3.40
N THR A 143 1.17 22.87 2.33
CA THR A 143 1.92 23.24 1.14
C THR A 143 1.17 24.31 0.36
N PRO A 144 1.80 24.94 -0.66
CA PRO A 144 1.09 25.96 -1.43
C PRO A 144 -0.19 25.42 -2.05
N PHE A 145 -1.23 26.26 -2.07
CA PHE A 145 -2.45 25.82 -2.73
C PHE A 145 -2.33 25.95 -4.24
N PHE A 146 -1.86 27.09 -4.72
CA PHE A 146 -1.51 27.27 -6.11
C PHE A 146 -0.03 27.59 -6.22
N SER A 147 0.57 27.22 -7.35
CA SER A 147 1.92 27.63 -7.68
C SER A 147 1.85 28.48 -8.93
N ASP A 148 2.33 29.72 -8.83
CA ASP A 148 2.23 30.71 -9.89
C ASP A 148 3.45 30.64 -10.80
N TYR A 149 3.31 29.96 -11.93
CA TYR A 149 4.39 29.84 -12.90
C TYR A 149 4.22 30.89 -14.00
N GLU A 150 5.33 31.46 -14.44
CA GLU A 150 5.35 32.25 -15.65
C GLU A 150 5.32 31.30 -16.84
N VAL A 151 4.34 31.48 -17.73
CA VAL A 151 4.19 30.64 -18.91
C VAL A 151 4.40 31.49 -20.16
N GLY A 152 4.65 30.81 -21.27
CA GLY A 152 4.90 31.49 -22.53
C GLY A 152 6.26 32.15 -22.59
N ILE A 153 7.25 31.62 -21.85
CA ILE A 153 8.55 32.26 -21.76
C ILE A 153 9.30 32.25 -23.08
N GLU A 154 8.91 31.40 -24.03
CA GLU A 154 9.50 31.36 -25.36
C GLU A 154 8.57 31.93 -26.43
N THR A 155 7.65 32.81 -26.03
CA THR A 155 6.80 33.55 -26.96
C THR A 155 6.91 35.04 -26.65
N ASP A 156 6.26 35.87 -27.46
CA ASP A 156 6.27 37.31 -27.23
C ASP A 156 5.31 37.74 -26.14
N SER A 157 4.51 36.82 -25.61
CA SER A 157 3.58 37.11 -24.54
C SER A 157 3.88 36.18 -23.37
N THR A 158 3.86 36.74 -22.17
CA THR A 158 4.01 35.97 -20.95
C THR A 158 2.78 36.16 -20.08
N GLU A 159 2.62 35.25 -19.12
CA GLU A 159 1.47 35.27 -18.24
C GLU A 159 1.80 34.43 -17.02
N THR A 160 1.39 34.90 -15.84
CA THR A 160 1.55 34.13 -14.61
C THR A 160 0.23 33.44 -14.31
N VAL A 161 0.28 32.11 -14.18
CA VAL A 161 -0.91 31.27 -14.07
C VAL A 161 -0.83 30.56 -12.73
N PRO A 162 -1.87 30.58 -11.91
CA PRO A 162 -1.89 29.76 -10.69
C PRO A 162 -2.32 28.34 -11.01
N PHE A 163 -1.37 27.41 -10.96
CA PHE A 163 -1.67 26.00 -11.18
C PHE A 163 -2.02 25.34 -9.86
N TRP A 164 -2.99 24.43 -9.91
CA TRP A 164 -3.40 23.65 -8.75
C TRP A 164 -2.31 22.63 -8.41
N THR A 165 -1.81 22.67 -7.18
CA THR A 165 -0.72 21.79 -6.74
C THR A 165 -1.07 21.23 -5.36
N THR A 166 -1.65 20.03 -5.33
CA THR A 166 -2.11 19.45 -4.08
C THR A 166 -0.94 19.09 -3.16
N PHE A 167 0.17 18.60 -3.73
CA PHE A 167 1.22 18.00 -2.92
C PHE A 167 2.45 18.89 -2.80
N THR A 168 3.19 19.12 -3.87
CA THR A 168 4.29 20.07 -3.84
C THR A 168 4.17 20.98 -5.05
N SER A 169 4.91 22.09 -5.02
CA SER A 169 4.90 22.96 -6.18
C SER A 169 5.53 22.30 -7.41
N ASN A 170 6.20 21.17 -7.25
CA ASN A 170 6.78 20.42 -8.36
C ASN A 170 5.88 19.29 -8.84
N GLN A 171 4.66 19.21 -8.35
CA GLN A 171 3.66 18.28 -8.85
C GLN A 171 2.44 19.10 -9.27
N ILE A 172 2.19 19.14 -10.57
CA ILE A 172 1.08 19.91 -11.12
C ILE A 172 -0.12 18.98 -11.25
N ASP A 173 -1.22 19.35 -10.59
CA ASP A 173 -2.45 18.58 -10.74
C ASP A 173 -2.93 18.64 -12.19
N ILE A 174 -3.32 17.51 -12.73
CA ILE A 174 -3.81 17.44 -14.10
C ILE A 174 -5.33 17.48 -14.08
N ASP A 175 -5.90 17.85 -15.22
CA ASP A 175 -7.35 17.86 -15.41
C ASP A 175 -7.74 16.50 -15.97
N VAL A 176 -8.05 15.55 -15.08
CA VAL A 176 -8.39 14.20 -15.52
C VAL A 176 -9.72 14.15 -16.26
N GLU A 177 -10.45 15.27 -16.31
CA GLU A 177 -11.68 15.34 -17.09
C GLU A 177 -11.46 15.87 -18.50
N SER A 178 -10.26 16.38 -18.80
CA SER A 178 -9.96 16.78 -20.16
C SER A 178 -9.67 15.56 -21.02
N GLU A 179 -9.70 15.76 -22.34
CA GLU A 179 -9.33 14.67 -23.24
C GLU A 179 -7.86 14.32 -23.11
N LEU A 180 -6.99 15.32 -22.94
CA LEU A 180 -5.57 15.06 -22.77
C LEU A 180 -5.30 14.27 -21.50
N GLY A 181 -6.02 14.60 -20.42
CA GLY A 181 -5.85 13.86 -19.18
C GLY A 181 -6.22 12.39 -19.31
N LYS A 182 -7.31 12.08 -20.01
CA LYS A 182 -7.67 10.69 -20.25
C LYS A 182 -6.67 10.02 -21.17
N GLU A 183 -6.14 10.75 -22.15
CA GLU A 183 -5.11 10.19 -23.02
C GLU A 183 -3.84 9.86 -22.23
N TYR A 184 -3.39 10.81 -21.40
CA TYR A 184 -2.20 10.59 -20.58
C TYR A 184 -2.36 9.35 -19.70
N LEU A 185 -3.47 9.26 -18.96
CA LEU A 185 -3.70 8.09 -18.10
C LEU A 185 -3.84 6.81 -18.93
N SER A 186 -4.52 6.89 -20.07
CA SER A 186 -4.68 5.71 -20.92
C SER A 186 -3.35 5.23 -21.48
N SER A 187 -2.44 6.15 -21.79
CA SER A 187 -1.15 5.76 -22.35
C SER A 187 -0.34 4.94 -21.35
N ILE A 188 -0.41 5.27 -20.06
CA ILE A 188 0.29 4.48 -19.06
C ILE A 188 -0.38 3.12 -18.90
N LEU A 189 -1.72 3.10 -18.82
CA LEU A 189 -2.43 1.82 -18.81
C LEU A 189 -2.08 0.98 -20.04
N GLN A 190 -1.82 1.63 -21.17
CA GLN A 190 -1.45 0.90 -22.38
C GLN A 190 -0.13 0.15 -22.17
N SER A 191 0.90 0.84 -21.69
CA SER A 191 2.16 0.17 -21.35
C SER A 191 1.93 -0.97 -20.37
N PHE A 192 1.07 -0.75 -19.36
CA PHE A 192 0.75 -1.77 -18.36
C PHE A 192 0.27 -3.06 -19.01
N THR A 193 -0.82 -2.99 -19.79
CA THR A 193 -1.41 -4.22 -20.31
C THR A 193 -0.49 -4.89 -21.32
N GLU A 194 0.34 -4.12 -22.02
CA GLU A 194 1.34 -4.69 -22.92
C GLU A 194 2.52 -5.29 -22.17
N SER A 195 2.63 -5.06 -20.87
CA SER A 195 3.77 -5.51 -20.07
C SER A 195 3.37 -6.53 -19.01
N ASN A 196 2.23 -7.20 -19.18
CA ASN A 196 1.76 -8.23 -18.27
C ASN A 196 1.60 -7.69 -16.84
N VAL A 197 1.07 -6.47 -16.74
CA VAL A 197 0.65 -5.91 -15.45
C VAL A 197 -0.83 -6.22 -15.26
N ASP A 198 -1.17 -6.77 -14.10
CA ASP A 198 -2.53 -7.24 -13.83
C ASP A 198 -3.31 -6.36 -12.89
N LEU A 199 -2.64 -5.65 -11.99
CA LEU A 199 -3.27 -4.91 -10.92
C LEU A 199 -2.73 -3.50 -10.91
N ILE A 200 -3.63 -2.52 -10.82
CA ILE A 200 -3.26 -1.11 -10.82
C ILE A 200 -3.59 -0.55 -9.45
N ARG A 201 -2.57 -0.13 -8.72
CA ARG A 201 -2.76 0.61 -7.48
C ARG A 201 -2.89 2.09 -7.83
N LEU A 202 -4.10 2.64 -7.67
CA LEU A 202 -4.36 4.04 -7.98
C LEU A 202 -3.92 4.91 -6.80
N ASP A 203 -3.08 5.90 -7.08
CA ASP A 203 -2.52 6.76 -6.05
C ASP A 203 -3.11 8.16 -6.16
N ALA A 204 -3.50 8.72 -5.03
CA ALA A 204 -4.05 10.08 -4.94
C ALA A 204 -5.32 10.25 -5.76
N ALA A 205 -6.03 9.15 -6.03
CA ALA A 205 -7.25 9.26 -6.82
C ALA A 205 -8.33 10.06 -6.09
N GLY A 206 -8.30 10.04 -4.76
CA GLY A 206 -9.29 10.77 -3.98
C GLY A 206 -9.31 12.26 -4.23
N TYR A 207 -8.21 12.82 -4.76
CA TYR A 207 -8.09 14.24 -5.03
C TYR A 207 -8.43 14.60 -6.47
N ALA A 208 -8.63 13.63 -7.35
CA ALA A 208 -8.48 13.87 -8.78
C ALA A 208 -9.57 14.77 -9.37
N ILE A 209 -10.70 14.92 -8.68
CA ILE A 209 -11.85 15.66 -9.19
C ILE A 209 -12.08 16.88 -8.31
N LYS A 210 -12.14 18.06 -8.93
CA LYS A 210 -12.29 19.32 -8.23
C LYS A 210 -13.64 19.93 -8.54
N ARG A 211 -14.38 20.32 -7.50
CA ARG A 211 -15.66 21.01 -7.63
C ARG A 211 -15.69 22.17 -6.65
N ALA A 212 -15.86 23.38 -7.18
CA ALA A 212 -15.91 24.56 -6.34
C ALA A 212 -17.05 24.46 -5.33
N GLY A 213 -16.75 24.71 -4.07
CA GLY A 213 -17.70 24.63 -3.00
C GLY A 213 -17.62 23.35 -2.17
N SER A 214 -16.98 22.32 -2.70
CA SER A 214 -16.82 21.04 -2.01
C SER A 214 -15.39 20.90 -1.50
N ASN A 215 -15.14 19.79 -0.79
CA ASN A 215 -13.79 19.54 -0.27
C ASN A 215 -12.89 18.86 -1.29
N CYS A 216 -13.40 18.60 -2.50
CA CYS A 216 -12.62 18.02 -3.60
C CYS A 216 -11.98 16.69 -3.23
N PHE A 217 -12.60 15.93 -2.33
CA PHE A 217 -12.06 14.66 -1.89
C PHE A 217 -13.14 13.60 -1.86
N MET A 218 -12.98 12.57 -2.69
CA MET A 218 -13.92 11.44 -2.76
C MET A 218 -15.35 11.92 -2.92
N LEU A 219 -15.54 12.87 -3.83
CA LEU A 219 -16.86 13.29 -4.22
C LEU A 219 -17.57 12.16 -4.97
N GLU A 220 -18.89 12.29 -5.12
CA GLU A 220 -19.59 11.40 -6.04
C GLU A 220 -18.94 11.43 -7.42
N GLU A 221 -18.56 12.62 -7.87
CA GLU A 221 -17.87 12.76 -9.15
C GLU A 221 -16.52 12.07 -9.13
N THR A 222 -15.88 11.98 -7.97
CA THR A 222 -14.63 11.25 -7.87
C THR A 222 -14.86 9.76 -8.08
N PHE A 223 -15.91 9.22 -7.47
CA PHE A 223 -16.26 7.82 -7.69
C PHE A 223 -16.57 7.54 -9.15
N GLU A 224 -17.29 8.47 -9.81
CA GLU A 224 -17.58 8.29 -11.22
C GLU A 224 -16.32 8.27 -12.07
N PHE A 225 -15.35 9.12 -11.72
CA PHE A 225 -14.06 9.07 -12.41
C PHE A 225 -13.35 7.74 -12.14
N ILE A 226 -13.31 7.32 -10.87
CA ILE A 226 -12.64 6.07 -10.51
C ILE A 226 -13.26 4.89 -11.24
N GLU A 227 -14.59 4.88 -11.38
CA GLU A 227 -15.23 3.77 -12.06
C GLU A 227 -14.98 3.82 -13.56
N ALA A 228 -14.96 5.01 -14.15
CA ALA A 228 -14.61 5.11 -15.57
C ALA A 228 -13.19 4.64 -15.81
N LEU A 229 -12.25 5.05 -14.94
CA LEU A 229 -10.88 4.58 -15.05
C LEU A 229 -10.80 3.07 -14.86
N SER A 230 -11.46 2.55 -13.83
CA SER A 230 -11.46 1.12 -13.56
C SER A 230 -12.12 0.34 -14.69
N LYS A 231 -13.21 0.87 -15.25
CA LYS A 231 -13.88 0.17 -16.34
C LYS A 231 -12.95 0.01 -17.54
N ARG A 232 -12.22 1.08 -17.89
CA ARG A 232 -11.22 0.94 -18.95
C ARG A 232 -10.17 -0.09 -18.60
N ALA A 233 -9.68 -0.06 -17.36
CA ALA A 233 -8.66 -1.03 -16.94
C ALA A 233 -9.18 -2.46 -17.06
N ARG A 234 -10.46 -2.68 -16.76
CA ARG A 234 -11.02 -4.01 -16.86
C ARG A 234 -11.05 -4.51 -18.30
N THR A 235 -11.47 -3.64 -19.24
CA THR A 235 -11.46 -4.03 -20.65
C THR A 235 -10.06 -4.38 -21.13
N MET A 236 -9.05 -3.73 -20.57
CA MET A 236 -7.66 -4.02 -20.88
C MET A 236 -7.13 -5.23 -20.13
N GLY A 237 -8.01 -5.94 -19.42
CA GLY A 237 -7.62 -7.15 -18.71
C GLY A 237 -7.03 -6.93 -17.34
N MET A 238 -7.21 -5.76 -16.75
CA MET A 238 -6.57 -5.44 -15.48
C MET A 238 -7.62 -5.06 -14.45
N GLN A 239 -7.15 -4.77 -13.24
CA GLN A 239 -8.04 -4.50 -12.13
C GLN A 239 -7.41 -3.44 -11.25
N CYS A 240 -8.24 -2.60 -10.64
CA CYS A 240 -7.77 -1.45 -9.90
C CYS A 240 -7.91 -1.65 -8.39
N LEU A 241 -7.00 -1.02 -7.67
CA LEU A 241 -6.95 -1.00 -6.21
C LEU A 241 -6.94 0.47 -5.79
N VAL A 242 -7.96 0.87 -5.04
CA VAL A 242 -8.10 2.26 -4.61
C VAL A 242 -7.42 2.39 -3.25
N GLU A 243 -6.21 2.95 -3.25
CA GLU A 243 -5.41 3.08 -2.03
C GLU A 243 -5.82 4.35 -1.29
N ILE A 244 -6.01 4.23 0.02
CA ILE A 244 -6.31 5.37 0.87
C ILE A 244 -6.03 4.97 2.32
N HIS A 245 -5.63 5.95 3.13
CA HIS A 245 -5.52 5.80 4.57
C HIS A 245 -6.60 6.68 5.20
N SER A 246 -7.63 6.05 5.74
CA SER A 246 -8.79 6.80 6.20
C SER A 246 -9.41 6.11 7.41
N HIS A 247 -10.51 6.69 7.88
CA HIS A 247 -11.38 6.01 8.82
C HIS A 247 -11.93 4.74 8.19
N TYR A 248 -12.14 3.72 9.03
CA TYR A 248 -12.43 2.39 8.50
C TYR A 248 -13.73 2.36 7.71
N GLN A 249 -14.71 3.20 8.06
CA GLN A 249 -15.97 3.19 7.33
C GLN A 249 -15.78 3.73 5.91
N THR A 250 -14.78 4.58 5.69
CA THR A 250 -14.49 5.04 4.34
C THR A 250 -13.93 3.91 3.49
N GLN A 251 -13.10 3.05 4.06
CA GLN A 251 -12.62 1.87 3.33
C GLN A 251 -13.78 0.96 2.94
N ILE A 252 -14.73 0.74 3.87
CA ILE A 252 -15.91 -0.06 3.55
C ILE A 252 -16.70 0.58 2.41
N ASP A 253 -16.96 1.88 2.51
CA ASP A 253 -17.75 2.56 1.50
C ASP A 253 -17.08 2.50 0.13
N ILE A 254 -15.77 2.73 0.08
CA ILE A 254 -15.05 2.66 -1.18
C ILE A 254 -15.11 1.25 -1.74
N ALA A 255 -14.91 0.24 -0.89
CA ALA A 255 -14.84 -1.13 -1.38
C ALA A 255 -16.17 -1.60 -1.95
N ALA A 256 -17.29 -1.04 -1.48
CA ALA A 256 -18.60 -1.42 -2.00
C ALA A 256 -18.82 -0.94 -3.42
N ARG A 257 -18.05 0.05 -3.89
CA ARG A 257 -18.23 0.60 -5.22
C ARG A 257 -17.04 0.37 -6.14
N CYS A 258 -15.89 0.00 -5.62
CA CYS A 258 -14.66 -0.13 -6.38
C CYS A 258 -14.13 -1.56 -6.31
N ASP A 259 -13.17 -1.85 -7.19
CA ASP A 259 -12.73 -3.24 -7.36
C ASP A 259 -12.03 -3.76 -6.11
N SER A 260 -11.20 -2.94 -5.48
CA SER A 260 -10.38 -3.42 -4.37
C SER A 260 -10.00 -2.26 -3.47
N VAL A 261 -9.70 -2.59 -2.21
CA VAL A 261 -9.10 -1.68 -1.25
C VAL A 261 -8.03 -2.44 -0.49
N TYR A 262 -7.24 -1.70 0.29
CA TYR A 262 -6.35 -2.31 1.27
C TYR A 262 -7.12 -2.59 2.56
N ASP A 263 -6.70 -3.62 3.29
CA ASP A 263 -7.10 -3.78 4.68
C ASP A 263 -5.99 -3.18 5.52
N PHE A 264 -6.15 -1.92 5.88
CA PHE A 264 -5.23 -1.23 6.76
C PHE A 264 -5.65 -1.32 8.23
N ALA A 265 -6.69 -2.10 8.53
CA ALA A 265 -7.05 -2.29 9.95
C ALA A 265 -6.24 -3.41 10.58
N LEU A 266 -5.94 -4.48 9.83
CA LEU A 266 -5.20 -5.61 10.40
C LEU A 266 -3.86 -5.25 11.03
N PRO A 267 -3.00 -4.41 10.45
CA PRO A 267 -1.68 -4.18 11.06
C PRO A 267 -1.79 -3.70 12.50
N PRO A 268 -2.54 -2.63 12.81
CA PRO A 268 -2.63 -2.24 14.23
C PRO A 268 -3.53 -3.16 15.05
N LEU A 269 -4.53 -3.79 14.46
CA LEU A 269 -5.42 -4.65 15.24
C LEU A 269 -4.73 -5.95 15.64
N VAL A 270 -3.90 -6.51 14.75
CA VAL A 270 -3.17 -7.75 15.06
C VAL A 270 -2.11 -7.49 16.13
N LEU A 271 -1.39 -6.37 16.03
CA LEU A 271 -0.48 -5.97 17.10
C LEU A 271 -1.23 -5.84 18.43
N HIS A 272 -2.32 -5.09 18.42
CA HIS A 272 -3.11 -4.89 19.63
C HIS A 272 -3.62 -6.23 20.18
N THR A 273 -4.11 -7.09 19.30
CA THR A 273 -4.55 -8.43 19.70
C THR A 273 -3.43 -9.20 20.39
N LEU A 274 -2.22 -9.17 19.81
CA LEU A 274 -1.12 -9.91 20.40
C LEU A 274 -0.60 -9.23 21.66
N PHE A 275 -0.62 -7.90 21.71
CA PHE A 275 -0.18 -7.19 22.92
C PHE A 275 -1.09 -7.48 24.11
N THR A 276 -2.40 -7.53 23.89
CA THR A 276 -3.37 -7.63 24.98
C THR A 276 -4.01 -9.00 25.12
N LYS A 277 -3.76 -9.93 24.19
CA LYS A 277 -4.37 -11.26 24.22
C LYS A 277 -5.89 -11.18 24.19
N ASP A 278 -6.41 -10.13 23.55
CA ASP A 278 -7.85 -9.91 23.41
C ASP A 278 -8.13 -9.67 21.93
N ALA A 279 -8.90 -10.57 21.32
CA ALA A 279 -9.19 -10.49 19.90
C ALA A 279 -10.59 -9.95 19.62
N SER A 280 -11.21 -9.27 20.59
CA SER A 280 -12.56 -8.75 20.38
C SER A 280 -12.64 -7.80 19.21
N ALA A 281 -11.76 -6.77 19.20
CA ALA A 281 -11.81 -5.80 18.12
C ALA A 281 -11.42 -6.43 16.80
N LEU A 282 -10.46 -7.36 16.81
CA LEU A 282 -10.10 -8.06 15.58
C LEU A 282 -11.27 -8.87 15.04
N ALA A 283 -11.97 -9.60 15.91
CA ALA A 283 -13.10 -10.41 15.46
C ALA A 283 -14.24 -9.54 14.96
N HIS A 284 -14.48 -8.40 15.61
CA HIS A 284 -15.47 -7.44 15.11
C HIS A 284 -15.13 -7.00 13.69
N TRP A 285 -13.88 -6.60 13.44
CA TRP A 285 -13.50 -6.11 12.12
C TRP A 285 -13.71 -7.17 11.06
N LEU A 286 -13.27 -8.40 11.33
CA LEU A 286 -13.41 -9.47 10.34
C LEU A 286 -14.87 -9.82 10.06
N SER A 287 -15.78 -9.47 10.96
CA SER A 287 -17.21 -9.68 10.70
C SER A 287 -17.77 -8.67 9.71
N ILE A 288 -17.08 -7.55 9.48
CA ILE A 288 -17.60 -6.48 8.66
C ILE A 288 -16.61 -6.03 7.60
N SER A 289 -15.41 -6.61 7.55
CA SER A 289 -14.36 -6.08 6.72
C SER A 289 -14.64 -6.37 5.24
N PRO A 290 -14.24 -5.47 4.35
CA PRO A 290 -14.37 -5.74 2.91
C PRO A 290 -13.62 -7.00 2.52
N ARG A 291 -14.28 -7.83 1.71
CA ARG A 291 -13.65 -9.06 1.23
C ARG A 291 -12.80 -8.80 0.00
N ASN A 292 -13.15 -7.79 -0.81
CA ASN A 292 -12.34 -7.42 -1.98
C ASN A 292 -11.21 -6.50 -1.55
N CYS A 293 -10.22 -7.08 -0.88
CA CYS A 293 -9.13 -6.31 -0.30
C CYS A 293 -7.81 -7.03 -0.50
N PHE A 294 -6.74 -6.29 -0.27
CA PHE A 294 -5.40 -6.84 -0.14
C PHE A 294 -4.97 -6.62 1.30
N THR A 295 -4.55 -7.70 1.97
CA THR A 295 -4.18 -7.59 3.36
C THR A 295 -2.67 -7.43 3.49
N VAL A 296 -2.26 -6.74 4.54
CA VAL A 296 -0.85 -6.50 4.87
C VAL A 296 -0.70 -6.54 6.37
N LEU A 297 0.53 -6.84 6.80
CA LEU A 297 0.97 -6.45 8.13
C LEU A 297 1.83 -5.21 7.95
N ASP A 298 2.99 -5.36 7.31
CA ASP A 298 3.83 -4.21 7.02
C ASP A 298 3.69 -3.81 5.55
N THR A 299 3.92 -2.53 5.30
CA THR A 299 4.01 -1.99 3.96
C THR A 299 5.39 -1.36 3.79
N HIS A 300 5.57 -0.64 2.67
CA HIS A 300 6.75 0.19 2.49
C HIS A 300 6.66 1.48 3.29
N ASP A 301 5.51 1.78 3.89
CA ASP A 301 5.33 2.95 4.73
C ASP A 301 5.42 2.52 6.18
N GLY A 302 5.05 3.43 7.09
CA GLY A 302 4.98 3.08 8.50
C GLY A 302 3.65 2.44 8.84
N ILE A 303 3.55 1.98 10.08
CA ILE A 303 2.36 1.27 10.56
C ILE A 303 1.25 2.28 10.81
N GLY A 304 0.18 2.20 10.00
CA GLY A 304 -0.88 3.18 10.10
C GLY A 304 -1.69 3.00 11.39
N ILE A 305 -1.82 4.08 12.15
CA ILE A 305 -2.55 4.07 13.42
C ILE A 305 -3.94 4.70 13.26
N VAL A 306 -4.03 5.85 12.58
CA VAL A 306 -5.32 6.51 12.39
C VAL A 306 -6.29 5.64 11.60
N ASP A 307 -5.78 4.61 10.91
CA ASP A 307 -6.63 3.70 10.16
C ASP A 307 -7.65 2.99 11.06
N VAL A 308 -7.35 2.82 12.35
CA VAL A 308 -8.31 2.23 13.28
C VAL A 308 -8.77 3.21 14.34
N GLY A 309 -8.46 4.49 14.21
CA GLY A 309 -8.84 5.48 15.19
C GLY A 309 -10.12 6.22 14.80
N ALA A 310 -10.58 7.04 15.74
CA ALA A 310 -11.79 7.83 15.51
C ALA A 310 -11.54 8.87 14.42
N SER A 311 -12.64 9.43 13.92
CA SER A 311 -12.55 10.45 12.88
C SER A 311 -13.76 11.35 13.04
N GLY A 312 -13.53 12.59 13.50
CA GLY A 312 -14.66 13.46 13.82
C GLY A 312 -15.55 12.82 14.88
N ASP A 313 -16.84 12.72 14.56
CA ASP A 313 -17.81 12.07 15.44
C ASP A 313 -17.82 10.55 15.29
N LYS A 314 -17.12 9.99 14.30
CA LYS A 314 -17.11 8.56 14.04
C LYS A 314 -16.11 7.86 14.95
N PRO A 315 -16.47 6.71 15.52
CA PRO A 315 -15.56 6.01 16.43
C PRO A 315 -14.56 5.15 15.68
N GLY A 316 -13.51 4.77 16.39
CA GLY A 316 -12.51 3.87 15.85
C GLY A 316 -12.89 2.43 16.07
N LEU A 317 -11.96 1.53 15.73
CA LEU A 317 -12.15 0.11 15.96
C LEU A 317 -11.65 -0.33 17.33
N ILE A 318 -10.78 0.45 17.96
CA ILE A 318 -10.40 0.30 19.34
C ILE A 318 -10.52 1.67 19.99
N SER A 319 -10.63 1.68 21.31
CA SER A 319 -10.78 2.93 22.03
C SER A 319 -9.49 3.76 21.97
N ALA A 320 -9.65 5.06 22.25
CA ALA A 320 -8.48 5.95 22.32
C ALA A 320 -7.43 5.41 23.28
N ASP A 321 -7.85 4.92 24.44
CA ASP A 321 -6.90 4.35 25.41
C ASP A 321 -6.10 3.21 24.79
N ALA A 322 -6.78 2.30 24.08
CA ALA A 322 -6.10 1.17 23.48
C ALA A 322 -5.11 1.62 22.41
N ILE A 323 -5.43 2.68 21.68
CA ILE A 323 -4.54 3.19 20.64
C ILE A 323 -3.28 3.79 21.24
N ASN A 324 -3.43 4.56 22.33
CA ASN A 324 -2.26 5.13 22.97
C ASN A 324 -1.37 4.06 23.59
N ALA A 325 -1.98 3.01 24.15
CA ALA A 325 -1.20 1.92 24.72
C ALA A 325 -0.58 1.05 23.64
N LEU A 326 -1.20 0.99 22.46
CA LEU A 326 -0.61 0.27 21.33
C LEU A 326 0.63 1.00 20.83
N VAL A 327 0.52 2.32 20.63
CA VAL A 327 1.68 3.10 20.19
C VAL A 327 2.81 2.99 21.20
N GLU A 328 2.48 3.11 22.50
CA GLU A 328 3.51 3.08 23.52
C GLU A 328 4.19 1.71 23.60
N GLN A 329 3.42 0.63 23.40
CA GLN A 329 4.03 -0.70 23.45
C GLN A 329 4.96 -0.92 22.26
N ILE A 330 4.66 -0.34 21.11
CA ILE A 330 5.58 -0.45 19.97
C ILE A 330 6.92 0.19 20.30
N HIS A 331 6.89 1.37 20.92
CA HIS A 331 8.13 2.03 21.31
C HIS A 331 8.91 1.19 22.32
N VAL A 332 8.20 0.52 23.24
CA VAL A 332 8.87 -0.31 24.24
C VAL A 332 9.49 -1.53 23.58
N ASN A 333 8.76 -2.16 22.67
CA ASN A 333 9.24 -3.39 22.05
C ASN A 333 10.43 -3.14 21.13
N SER A 334 10.50 -1.97 20.50
CA SER A 334 11.64 -1.60 19.66
C SER A 334 12.71 -0.86 20.44
N ASN A 335 12.65 -0.89 21.76
CA ASN A 335 13.61 -0.23 22.65
C ASN A 335 13.83 1.23 22.25
N GLY A 336 12.75 1.91 21.87
CA GLY A 336 12.80 3.30 21.51
C GLY A 336 13.20 3.61 20.08
N GLU A 337 13.56 2.60 19.30
CA GLU A 337 13.99 2.83 17.92
C GLU A 337 12.88 3.48 17.09
N SER A 338 11.64 3.03 17.28
CA SER A 338 10.52 3.63 16.55
C SER A 338 10.30 5.09 16.95
N LYS A 339 10.62 5.46 18.19
CA LYS A 339 10.56 6.86 18.59
C LYS A 339 11.54 7.72 17.79
N LYS A 340 12.73 7.19 17.51
CA LYS A 340 13.70 7.95 16.73
C LYS A 340 13.20 8.20 15.31
N ALA A 341 12.49 7.23 14.73
CA ALA A 341 12.04 7.32 13.34
C ALA A 341 10.67 7.95 13.17
N THR A 342 9.91 8.15 14.25
CA THR A 342 8.54 8.65 14.18
C THR A 342 8.48 10.09 14.64
N GLY A 343 7.71 10.91 13.92
CA GLY A 343 7.60 12.31 14.26
C GLY A 343 6.82 12.53 15.55
N ALA A 344 7.06 13.68 16.17
CA ALA A 344 6.41 14.01 17.43
C ALA A 344 4.91 14.24 17.23
N ALA A 345 4.15 13.99 18.30
CA ALA A 345 2.71 14.20 18.30
C ALA A 345 2.26 14.48 19.72
N ALA A 346 1.25 15.34 19.85
CA ALA A 346 0.72 15.66 21.18
C ALA A 346 0.18 14.42 21.87
N ASN A 347 -0.68 13.67 21.19
CA ASN A 347 -1.21 12.41 21.69
C ASN A 347 -0.99 11.34 20.64
N ASN A 348 -0.72 10.11 21.09
CA ASN A 348 -0.55 9.00 20.16
C ASN A 348 -1.84 8.69 19.41
N VAL A 349 -2.99 9.07 19.97
CA VAL A 349 -4.26 8.86 19.27
C VAL A 349 -4.32 9.67 17.98
N ASP A 350 -3.49 10.71 17.85
CA ASP A 350 -3.43 11.55 16.66
C ASP A 350 -2.25 11.19 15.75
N LEU A 351 -1.53 10.11 16.05
CA LEU A 351 -0.37 9.73 15.26
C LEU A 351 -0.79 9.12 13.93
N TYR A 352 -0.29 9.67 12.84
CA TYR A 352 -0.57 9.12 11.52
C TYR A 352 -0.03 7.70 11.41
N GLN A 353 1.30 7.56 11.55
CA GLN A 353 1.98 6.29 11.33
C GLN A 353 3.15 6.16 12.29
N VAL A 354 3.44 4.93 12.69
CA VAL A 354 4.60 4.61 13.50
C VAL A 354 5.63 3.93 12.61
N ASN A 355 6.79 4.56 12.45
CA ASN A 355 7.84 4.03 11.59
C ASN A 355 8.63 2.97 12.36
N CYS A 356 8.44 1.71 11.99
CA CYS A 356 9.03 0.58 12.71
C CYS A 356 8.75 -0.69 11.91
N THR A 357 9.66 -1.67 11.90
CA THR A 357 9.32 -2.93 11.27
C THR A 357 8.26 -3.64 12.10
N TYR A 358 7.46 -4.46 11.43
CA TYR A 358 6.45 -5.22 12.16
C TYR A 358 7.12 -6.20 13.11
N TYR A 359 8.24 -6.78 12.68
CA TYR A 359 8.99 -7.72 13.50
C TYR A 359 9.47 -7.05 14.80
N ASP A 360 10.02 -5.84 14.69
CA ASP A 360 10.45 -5.12 15.88
C ASP A 360 9.27 -4.60 16.70
N ALA A 361 8.14 -4.35 16.06
CA ALA A 361 6.95 -3.97 16.82
C ALA A 361 6.50 -5.11 17.73
N LEU A 362 6.76 -6.35 17.32
CA LEU A 362 6.49 -7.52 18.15
C LEU A 362 7.70 -7.92 19.00
N GLY A 363 8.65 -7.01 19.20
CA GLY A 363 9.84 -7.33 19.98
C GLY A 363 10.69 -8.44 19.41
N LYS A 364 10.61 -8.69 18.10
CA LYS A 364 11.35 -9.77 17.46
C LYS A 364 11.03 -11.11 18.12
N ASP A 365 9.76 -11.27 18.53
CA ASP A 365 9.24 -12.54 19.05
C ASP A 365 8.84 -13.41 17.87
N ASP A 366 9.60 -14.47 17.62
CA ASP A 366 9.38 -15.28 16.42
C ASP A 366 8.02 -15.97 16.44
N PHE A 367 7.58 -16.45 17.61
CA PHE A 367 6.30 -17.14 17.69
C PHE A 367 5.14 -16.19 17.43
N ALA A 368 5.13 -15.05 18.11
CA ALA A 368 4.06 -14.08 17.91
C ALA A 368 4.04 -13.61 16.46
N TYR A 369 5.20 -13.44 15.85
CA TYR A 369 5.27 -12.96 14.48
C TYR A 369 4.70 -13.98 13.50
N LEU A 370 4.99 -15.27 13.70
CA LEU A 370 4.37 -16.29 12.87
C LEU A 370 2.87 -16.38 13.13
N VAL A 371 2.44 -16.16 14.37
CA VAL A 371 1.00 -16.10 14.64
C VAL A 371 0.37 -14.92 13.91
N ALA A 372 1.04 -13.77 13.94
CA ALA A 372 0.55 -12.59 13.23
C ALA A 372 0.34 -12.87 11.75
N ARG A 373 1.32 -13.47 11.08
CA ARG A 373 1.18 -13.69 9.65
C ARG A 373 0.17 -14.78 9.34
N ALA A 374 -0.02 -15.74 10.25
CA ALA A 374 -1.07 -16.74 10.05
C ALA A 374 -2.44 -16.10 10.14
N ILE A 375 -2.62 -15.18 11.10
CA ILE A 375 -3.86 -14.42 11.17
C ILE A 375 -4.08 -13.65 9.88
N GLN A 376 -3.02 -13.04 9.33
CA GLN A 376 -3.15 -12.29 8.09
C GLN A 376 -3.58 -13.19 6.95
N PHE A 377 -2.92 -14.34 6.79
CA PHE A 377 -3.21 -15.23 5.67
C PHE A 377 -4.63 -15.79 5.76
N PHE A 378 -5.15 -16.00 6.98
CA PHE A 378 -6.46 -16.60 7.19
C PHE A 378 -7.58 -15.58 7.24
N SER A 379 -7.27 -14.28 7.12
CA SER A 379 -8.28 -13.24 6.94
C SER A 379 -8.63 -13.12 5.46
N PRO A 380 -9.84 -12.68 5.12
CA PRO A 380 -10.22 -12.60 3.71
C PRO A 380 -9.36 -11.60 2.95
N GLY A 381 -9.30 -11.80 1.63
CA GLY A 381 -8.53 -10.95 0.75
C GLY A 381 -7.19 -11.58 0.39
N ILE A 382 -6.53 -10.96 -0.58
CA ILE A 382 -5.22 -11.41 -1.07
C ILE A 382 -4.14 -10.96 -0.09
N PRO A 383 -3.35 -11.87 0.47
CA PRO A 383 -2.33 -11.45 1.43
C PRO A 383 -1.03 -11.01 0.76
N GLN A 384 -0.51 -9.85 1.17
CA GLN A 384 0.74 -9.31 0.66
C GLN A 384 1.78 -9.32 1.77
N VAL A 385 2.99 -9.76 1.46
CA VAL A 385 4.10 -9.82 2.42
C VAL A 385 5.16 -8.84 1.98
N TYR A 386 5.47 -7.87 2.84
CA TYR A 386 6.52 -6.90 2.55
C TYR A 386 7.88 -7.57 2.56
N TYR A 387 8.72 -7.19 1.59
CA TYR A 387 9.99 -7.89 1.38
C TYR A 387 10.84 -7.87 2.65
N GLY A 388 10.84 -6.75 3.38
CA GLY A 388 11.55 -6.71 4.64
C GLY A 388 11.01 -7.70 5.66
N GLY A 389 9.67 -7.75 5.80
CA GLY A 389 9.08 -8.68 6.74
C GLY A 389 9.18 -10.13 6.33
N LEU A 390 9.28 -10.39 5.02
CA LEU A 390 9.52 -11.76 4.54
C LEU A 390 10.80 -12.34 5.13
N LEU A 391 11.80 -11.50 5.39
CA LEU A 391 13.09 -11.97 5.87
C LEU A 391 13.35 -11.61 7.32
N ALA A 392 12.33 -11.11 8.02
CA ALA A 392 12.47 -10.73 9.43
C ALA A 392 13.63 -9.74 9.60
N ALA A 393 13.62 -8.73 8.76
CA ALA A 393 14.64 -7.70 8.85
C ALA A 393 14.38 -6.82 10.07
N HIS A 394 15.44 -6.54 10.81
CA HIS A 394 15.40 -5.65 11.94
C HIS A 394 15.34 -4.19 11.46
N ASN A 395 14.98 -3.30 12.38
CA ASN A 395 15.02 -1.87 12.11
C ASN A 395 16.39 -1.47 11.59
N ASP A 396 16.39 -0.75 10.47
CA ASP A 396 17.64 -0.35 9.84
C ASP A 396 18.03 1.02 10.37
N MET A 397 18.66 1.02 11.55
CA MET A 397 19.08 2.26 12.18
C MET A 397 20.23 2.92 11.44
N GLU A 398 21.08 2.12 10.76
CA GLU A 398 22.18 2.69 10.00
C GLU A 398 21.67 3.53 8.83
N LEU A 399 20.75 2.97 8.05
CA LEU A 399 20.17 3.71 6.94
C LEU A 399 19.42 4.93 7.45
N LEU A 400 18.69 4.78 8.56
CA LEU A 400 17.99 5.93 9.14
C LEU A 400 18.95 7.06 9.48
N ALA A 401 20.06 6.74 10.14
CA ALA A 401 21.04 7.77 10.47
C ALA A 401 21.63 8.38 9.21
N ASN A 402 21.76 7.59 8.14
CA ASN A 402 22.40 8.09 6.92
C ASN A 402 21.49 9.03 6.15
N THR A 403 20.22 8.63 5.95
CA THR A 403 19.31 9.42 5.13
C THR A 403 18.48 10.42 5.91
N ASN A 404 18.25 10.15 7.20
CA ASN A 404 17.36 10.96 8.06
C ASN A 404 15.91 10.92 7.57
N VAL A 405 15.53 9.89 6.81
CA VAL A 405 14.16 9.71 6.35
C VAL A 405 13.51 8.66 7.23
N GLY A 406 12.46 9.07 7.95
CA GLY A 406 11.86 8.20 8.96
C GLY A 406 11.51 6.82 8.44
N ARG A 407 10.93 6.74 7.24
CA ARG A 407 10.48 5.47 6.71
C ARG A 407 11.61 4.55 6.27
N ASP A 408 12.85 5.05 6.22
CA ASP A 408 13.96 4.18 5.82
C ASP A 408 14.31 3.15 6.87
N ILE A 409 13.86 3.35 8.12
CA ILE A 409 14.01 2.32 9.14
C ILE A 409 13.39 1.01 8.68
N ASN A 410 12.45 1.08 7.73
CA ASN A 410 11.72 -0.07 7.21
C ASN A 410 11.90 -0.22 5.70
N ARG A 411 12.98 0.33 5.14
CA ARG A 411 13.31 0.18 3.72
C ARG A 411 14.77 -0.24 3.54
N PRO A 412 15.14 -1.41 4.06
CA PRO A 412 16.55 -1.80 4.00
C PRO A 412 16.94 -2.25 2.60
N TYR A 413 18.23 -2.12 2.29
CA TYR A 413 18.81 -2.67 1.06
C TYR A 413 19.24 -4.10 1.36
N LEU A 414 18.47 -5.06 0.87
CA LEU A 414 18.70 -6.47 1.17
C LEU A 414 19.23 -7.11 -0.11
N THR A 415 20.54 -7.33 -0.15
CA THR A 415 21.20 -7.88 -1.31
C THR A 415 20.87 -9.35 -1.49
N THR A 416 21.16 -9.86 -2.69
CA THR A 416 21.00 -11.30 -2.92
C THR A 416 21.71 -12.11 -1.85
N ALA A 417 22.89 -11.66 -1.43
CA ALA A 417 23.63 -12.36 -0.39
C ALA A 417 22.87 -12.37 0.93
N MET A 418 22.27 -11.23 1.30
CA MET A 418 21.54 -11.16 2.55
C MET A 418 20.25 -11.97 2.51
N VAL A 419 19.64 -12.11 1.33
CA VAL A 419 18.48 -12.99 1.19
C VAL A 419 18.87 -14.44 1.44
N GLU A 420 20.00 -14.87 0.85
CA GLU A 420 20.46 -16.24 1.01
C GLU A 420 20.76 -16.58 2.47
N ASP A 421 21.23 -15.60 3.24
CA ASP A 421 21.44 -15.84 4.67
C ASP A 421 20.10 -15.84 5.41
N ALA A 422 19.24 -14.87 5.13
CA ALA A 422 18.03 -14.70 5.91
C ALA A 422 17.07 -15.86 5.76
N ILE A 423 17.01 -16.49 4.57
CA ILE A 423 16.08 -17.59 4.37
C ILE A 423 16.51 -18.83 5.15
N GLN A 424 17.66 -18.75 5.82
CA GLN A 424 18.09 -19.83 6.69
C GLN A 424 17.62 -19.64 8.13
N LYS A 425 17.07 -18.48 8.45
CA LYS A 425 16.57 -18.24 9.79
C LYS A 425 15.32 -19.09 10.04
N PRO A 426 15.22 -19.75 11.20
CA PRO A 426 14.03 -20.57 11.48
C PRO A 426 12.71 -19.84 11.32
N VAL A 427 12.61 -18.58 11.77
CA VAL A 427 11.34 -17.87 11.65
C VAL A 427 10.99 -17.64 10.18
N VAL A 428 12.01 -17.43 9.33
CA VAL A 428 11.76 -17.25 7.90
C VAL A 428 11.35 -18.58 7.26
N LYS A 429 12.04 -19.67 7.62
CA LYS A 429 11.62 -20.98 7.13
C LYS A 429 10.19 -21.30 7.56
N GLY A 430 9.83 -20.95 8.79
CA GLY A 430 8.46 -21.14 9.22
C GLY A 430 7.48 -20.30 8.42
N LEU A 431 7.86 -19.06 8.11
CA LEU A 431 6.99 -18.20 7.32
C LEU A 431 6.79 -18.75 5.92
N MET A 432 7.85 -19.30 5.33
CA MET A 432 7.73 -19.85 3.97
C MET A 432 6.82 -21.07 3.95
N GLN A 433 6.84 -21.88 5.00
CA GLN A 433 5.91 -22.99 5.09
C GLN A 433 4.47 -22.50 5.20
N LEU A 434 4.24 -21.42 5.95
CA LEU A 434 2.91 -20.84 6.03
C LEU A 434 2.46 -20.32 4.67
N ILE A 435 3.37 -19.66 3.95
CA ILE A 435 3.09 -19.17 2.61
C ILE A 435 2.67 -20.31 1.70
N THR A 436 3.37 -21.45 1.80
CA THR A 436 3.03 -22.59 0.95
C THR A 436 1.65 -23.14 1.28
N LEU A 437 1.34 -23.28 2.57
CA LEU A 437 0.00 -23.69 2.96
C LEU A 437 -1.05 -22.73 2.40
N ARG A 438 -0.78 -21.42 2.49
CA ARG A 438 -1.74 -20.44 2.00
C ARG A 438 -1.87 -20.47 0.48
N ASN A 439 -0.81 -20.91 -0.22
CA ASN A 439 -0.84 -20.96 -1.68
C ASN A 439 -1.52 -22.20 -2.22
N GLU A 440 -1.49 -23.31 -1.49
CA GLU A 440 -1.86 -24.60 -2.09
C GLU A 440 -3.21 -25.14 -1.64
N ASN A 441 -3.75 -24.67 -0.51
CA ASN A 441 -5.04 -25.13 -0.03
C ASN A 441 -6.15 -24.33 -0.68
N LYS A 442 -7.11 -25.03 -1.30
CA LYS A 442 -8.18 -24.38 -2.04
C LYS A 442 -9.25 -23.77 -1.15
N ALA A 443 -9.21 -23.99 0.17
CA ALA A 443 -10.27 -23.52 1.05
C ALA A 443 -10.42 -22.01 1.00
N PHE A 444 -9.32 -21.29 0.76
CA PHE A 444 -9.36 -19.84 0.75
C PHE A 444 -10.11 -19.28 -0.45
N GLY A 445 -10.37 -20.10 -1.46
CA GLY A 445 -11.28 -19.78 -2.53
C GLY A 445 -12.75 -19.94 -2.19
N GLY A 446 -13.10 -20.23 -0.93
CA GLY A 446 -14.49 -20.47 -0.56
C GLY A 446 -15.06 -19.58 0.53
N ALA A 447 -15.82 -20.18 1.45
CA ALA A 447 -16.57 -19.45 2.45
C ALA A 447 -15.76 -19.27 3.73
N PHE A 448 -15.97 -18.13 4.40
CA PHE A 448 -15.22 -17.73 5.57
C PHE A 448 -16.11 -17.63 6.79
N ASP A 449 -15.53 -17.91 7.95
CA ASP A 449 -16.22 -17.74 9.22
C ASP A 449 -15.21 -17.36 10.29
N VAL A 450 -15.59 -16.44 11.18
CA VAL A 450 -14.76 -16.01 12.30
C VAL A 450 -15.53 -16.26 13.60
N THR A 451 -14.85 -16.84 14.59
CA THR A 451 -15.42 -17.12 15.89
C THR A 451 -14.44 -16.69 16.97
N TYR A 452 -14.96 -16.11 18.06
CA TYR A 452 -14.15 -15.72 19.21
C TYR A 452 -14.96 -16.00 20.48
N THR A 453 -14.69 -17.15 21.09
CA THR A 453 -15.29 -17.51 22.36
C THR A 453 -14.20 -18.02 23.30
N ASP A 454 -14.31 -17.66 24.57
CA ASP A 454 -13.49 -18.23 25.63
C ASP A 454 -12.00 -18.17 25.28
N ASN A 455 -11.54 -16.95 24.98
CA ASN A 455 -10.14 -16.67 24.69
C ASN A 455 -9.60 -17.45 23.50
N THR A 456 -10.48 -17.95 22.64
CA THR A 456 -10.07 -18.76 21.49
C THR A 456 -10.64 -18.13 20.23
N LEU A 457 -9.76 -17.63 19.37
CA LEU A 457 -10.13 -17.12 18.06
C LEU A 457 -10.02 -18.24 17.03
N VAL A 458 -11.05 -18.37 16.19
CA VAL A 458 -11.06 -19.35 15.12
C VAL A 458 -11.40 -18.64 13.81
N LEU A 459 -10.55 -18.82 12.80
CA LEU A 459 -10.76 -18.32 11.45
C LEU A 459 -10.84 -19.52 10.51
N SER A 460 -11.99 -19.73 9.88
CA SER A 460 -12.27 -20.96 9.15
C SER A 460 -12.58 -20.70 7.69
N TRP A 461 -12.08 -21.58 6.83
CA TRP A 461 -12.35 -21.56 5.41
C TRP A 461 -12.74 -22.96 4.94
N SER A 462 -13.63 -23.01 3.95
CA SER A 462 -14.00 -24.27 3.32
C SER A 462 -14.31 -23.99 1.86
N ASN A 463 -13.83 -24.86 0.96
CA ASN A 463 -14.13 -24.73 -0.46
C ASN A 463 -13.91 -26.07 -1.14
N ASP A 464 -14.90 -26.49 -1.93
CA ASP A 464 -14.92 -27.83 -2.54
C ASP A 464 -14.87 -28.82 -1.37
N GLY A 465 -13.95 -29.76 -1.36
CA GLY A 465 -13.77 -30.60 -0.18
C GLY A 465 -12.65 -30.16 0.73
N ASP A 466 -11.96 -29.08 0.37
CA ASP A 466 -10.85 -28.57 1.15
C ASP A 466 -11.34 -27.64 2.27
N ALA A 467 -10.57 -27.64 3.37
CA ALA A 467 -10.89 -26.81 4.51
C ALA A 467 -9.59 -26.39 5.17
N ALA A 468 -9.63 -25.23 5.84
CA ALA A 468 -8.47 -24.74 6.58
C ALA A 468 -8.98 -23.87 7.71
N SER A 469 -8.43 -24.06 8.91
CA SER A 469 -8.85 -23.29 10.07
C SER A 469 -7.63 -22.90 10.89
N LEU A 470 -7.64 -21.69 11.43
CA LEU A 470 -6.64 -21.21 12.37
C LEU A 470 -7.30 -21.00 13.72
N THR A 471 -6.79 -21.69 14.74
CA THR A 471 -7.30 -21.59 16.11
C THR A 471 -6.22 -21.02 16.99
N VAL A 472 -6.46 -19.83 17.55
CA VAL A 472 -5.50 -19.17 18.44
C VAL A 472 -6.10 -19.15 19.83
N ASP A 473 -5.51 -19.90 20.73
CA ASP A 473 -5.92 -19.98 22.13
C ASP A 473 -5.04 -19.03 22.92
N PHE A 474 -5.60 -17.89 23.33
CA PHE A 474 -4.81 -16.87 24.02
C PHE A 474 -4.56 -17.19 25.49
N ALA A 475 -5.38 -18.04 26.11
CA ALA A 475 -5.06 -18.48 27.47
C ALA A 475 -3.85 -19.41 27.48
N ALA A 476 -3.81 -20.37 26.57
CA ALA A 476 -2.70 -21.31 26.47
C ALA A 476 -1.55 -20.78 25.63
N MET A 477 -1.75 -19.67 24.93
CA MET A 477 -0.78 -19.16 23.96
C MET A 477 -0.36 -20.27 22.99
N ASP A 478 -1.37 -20.84 22.34
CA ASP A 478 -1.19 -21.85 21.32
C ASP A 478 -1.87 -21.38 20.03
N ALA A 479 -1.22 -21.64 18.91
CA ALA A 479 -1.80 -21.36 17.59
C ALA A 479 -1.70 -22.61 16.75
N THR A 480 -2.83 -23.03 16.17
CA THR A 480 -2.90 -24.31 15.48
C THR A 480 -3.69 -24.16 14.17
N ILE A 481 -3.15 -24.74 13.11
CA ILE A 481 -3.81 -24.77 11.81
C ILE A 481 -4.28 -26.20 11.54
N ASN A 482 -5.56 -26.35 11.20
CA ASN A 482 -6.13 -27.64 10.83
C ASN A 482 -6.58 -27.56 9.38
N THR A 483 -6.20 -28.55 8.58
CA THR A 483 -6.51 -28.54 7.16
C THR A 483 -7.09 -29.89 6.73
N VAL A 484 -7.88 -29.84 5.68
CA VAL A 484 -8.34 -31.02 4.94
C VAL A 484 -8.04 -30.77 3.47
N SER A 485 -7.24 -31.65 2.86
CA SER A 485 -6.86 -31.51 1.45
C SER A 485 -6.13 -32.76 1.00
N ASN A 486 -6.30 -33.09 -0.28
CA ASN A 486 -5.66 -34.26 -0.90
C ASN A 486 -6.04 -35.55 -0.20
N GLY A 487 -7.22 -35.59 0.43
CA GLY A 487 -7.63 -36.73 1.21
C GLY A 487 -7.01 -36.81 2.60
N GLU A 488 -6.14 -35.85 2.95
CA GLU A 488 -5.41 -35.82 4.20
C GLU A 488 -6.06 -34.86 5.18
N GLU A 489 -5.97 -35.19 6.46
CA GLU A 489 -6.25 -34.26 7.55
C GLU A 489 -4.93 -33.96 8.25
N SER A 490 -4.62 -32.67 8.40
CA SER A 490 -3.32 -32.25 8.89
C SER A 490 -3.50 -31.23 10.01
N THR A 491 -2.61 -31.31 10.98
CA THR A 491 -2.59 -30.38 12.10
C THR A 491 -1.20 -29.79 12.23
N LEU A 492 -1.11 -28.46 12.23
CA LEU A 492 0.17 -27.77 12.29
C LEU A 492 0.15 -26.79 13.46
N SER A 493 0.82 -27.15 14.54
CA SER A 493 1.04 -26.21 15.63
C SER A 493 2.11 -25.20 15.24
N ILE A 494 1.84 -23.91 15.47
CA ILE A 494 2.81 -22.89 15.11
C ILE A 494 4.06 -23.03 15.97
N GLY A 495 3.89 -23.34 17.26
CA GLY A 495 5.04 -23.55 18.11
C GLY A 495 5.87 -24.75 17.71
N ALA A 496 5.19 -25.84 17.32
CA ALA A 496 5.90 -27.00 16.79
C ALA A 496 6.55 -26.69 15.44
N LEU A 497 5.91 -25.83 14.63
CA LEU A 497 6.51 -25.39 13.37
C LEU A 497 7.83 -24.67 13.62
N LEU A 498 7.84 -23.74 14.58
CA LEU A 498 9.04 -22.97 14.85
C LEU A 498 10.12 -23.83 15.48
N ALA A 499 9.72 -24.77 16.36
CA ALA A 499 10.70 -25.67 16.96
C ALA A 499 11.35 -26.58 15.92
N HIS A 500 10.55 -27.11 14.99
CA HIS A 500 11.09 -28.02 13.98
C HIS A 500 12.22 -27.36 13.19
N HIS A 501 12.06 -26.08 12.84
CA HIS A 501 13.05 -25.38 12.05
C HIS A 501 14.25 -24.90 12.88
N HIS A 502 14.15 -24.93 14.22
CA HIS A 502 15.33 -24.69 15.04
C HIS A 502 16.23 -25.92 15.13
N HIS A 503 15.64 -27.11 15.12
CA HIS A 503 16.40 -28.35 15.23
C HIS A 503 16.81 -28.90 13.87
N HIS A 504 15.95 -28.75 12.86
CA HIS A 504 16.22 -29.30 11.54
C HIS A 504 16.29 -28.19 10.49
MG MG B . 1.21 -10.96 -15.19
CL CL C . -9.48 -8.66 -4.36
#